data_8OGW
#
_entry.id   8OGW
#
_cell.length_a   118.870
_cell.length_b   39.240
_cell.length_c   68.170
_cell.angle_alpha   90.000
_cell.angle_beta   95.310
_cell.angle_gamma   90.000
#
_symmetry.space_group_name_H-M   'C 1 2 1'
#
loop_
_entity.id
_entity.type
_entity.pdbx_description
1 polymer 'Cyclic di-AMP synthase CdaA'
2 non-polymer ~{N}-[5-azanyl-2,4-bis(fluoranyl)phenyl]propane-1-sulfonamide
3 non-polymer 'MAGNESIUM ION'
4 water water
#
_entity_poly.entity_id   1
_entity_poly.type   'polypeptide(L)'
_entity_poly.pdbx_seq_one_letter_code
;GPTPVEEAQQKTIEAITKAINYMAKRRIGALLTIERDTGMGDYIETGIPLNAKVSSELLINIFIPNTPLHDGAVIMKNNE
IAAAACYLPLSESPFISKELGTRHRAAVGISEVTDSLTIIVSEETGGVSVAKNGDLHRELTEEALKEMLEAEFK
;
_entity_poly.pdbx_strand_id   A,B
#
# COMPACT_ATOMS: atom_id res chain seq x y z
N THR A 3 -3.78 -19.81 20.66
CA THR A 3 -2.35 -19.74 20.49
C THR A 3 -1.98 -18.45 19.71
N PRO A 4 -0.68 -18.10 19.68
CA PRO A 4 -0.25 -17.00 18.83
C PRO A 4 -0.56 -17.24 17.36
N VAL A 5 -0.35 -18.45 16.82
CA VAL A 5 -0.62 -18.73 15.41
C VAL A 5 -2.11 -18.55 15.10
N GLU A 6 -2.97 -19.03 15.99
CA GLU A 6 -4.41 -18.93 15.81
C GLU A 6 -4.88 -17.49 15.89
N GLU A 7 -4.31 -16.74 16.82
CA GLU A 7 -4.66 -15.33 16.96
C GLU A 7 -4.24 -14.51 15.75
N ALA A 8 -3.17 -14.92 15.10
CA ALA A 8 -2.71 -14.22 13.91
C ALA A 8 -3.56 -14.57 12.70
N GLN A 9 -3.94 -15.83 12.57
CA GLN A 9 -4.84 -16.23 11.48
C GLN A 9 -6.17 -15.49 11.55
N GLN A 10 -6.75 -15.39 12.74
CA GLN A 10 -8.03 -14.71 12.86
C GLN A 10 -7.90 -13.22 12.58
N LYS A 11 -6.81 -12.60 13.03
CA LYS A 11 -6.57 -11.19 12.71
C LYS A 11 -6.51 -10.98 11.19
N THR A 12 -5.85 -11.90 10.48
CA THR A 12 -5.74 -11.76 9.04
C THR A 12 -7.09 -11.95 8.35
N ILE A 13 -7.86 -12.93 8.80
CA ILE A 13 -9.20 -13.12 8.25
C ILE A 13 -10.05 -11.87 8.47
N GLU A 14 -9.98 -11.29 9.67
CA GLU A 14 -10.76 -10.08 9.96
C GLU A 14 -10.34 -8.93 9.05
N ALA A 15 -9.03 -8.78 8.82
CA ALA A 15 -8.54 -7.71 7.96
C ALA A 15 -9.04 -7.89 6.54
N ILE A 16 -8.97 -9.12 6.03
CA ILE A 16 -9.46 -9.40 4.69
C ILE A 16 -10.95 -9.09 4.59
N THR A 17 -11.75 -9.64 5.49
CA THR A 17 -13.18 -9.45 5.36
C THR A 17 -13.60 -7.99 5.47
N LYS A 18 -12.93 -7.22 6.33
CA LYS A 18 -13.23 -5.79 6.43
C LYS A 18 -12.91 -5.09 5.08
N ALA A 19 -11.75 -5.41 4.48
CA ALA A 19 -11.40 -4.78 3.20
C ALA A 19 -12.39 -5.18 2.12
N ILE A 20 -12.73 -6.47 2.04
CA ILE A 20 -13.65 -6.94 1.02
C ILE A 20 -15.00 -6.25 1.17
N ASN A 21 -15.50 -6.13 2.40
CA ASN A 21 -16.80 -5.48 2.60
C ASN A 21 -16.77 -4.03 2.12
N TYR A 22 -15.68 -3.32 2.41
CA TYR A 22 -15.55 -1.94 1.96
C TYR A 22 -15.59 -1.85 0.44
N MET A 23 -14.84 -2.73 -0.24
CA MET A 23 -14.82 -2.70 -1.70
C MET A 23 -16.14 -3.15 -2.31
N ALA A 24 -16.79 -4.14 -1.71
CA ALA A 24 -18.09 -4.58 -2.21
C ALA A 24 -19.09 -3.42 -2.18
N LYS A 25 -19.12 -2.67 -1.07
CA LYS A 25 -20.06 -1.56 -0.93
C LYS A 25 -19.83 -0.49 -2.00
N ARG A 26 -18.57 -0.26 -2.37
CA ARG A 26 -18.20 0.79 -3.32
C ARG A 26 -18.01 0.25 -4.73
N ARG A 27 -18.23 -1.05 -4.94
CA ARG A 27 -18.07 -1.67 -6.25
C ARG A 27 -16.68 -1.41 -6.81
N ILE A 28 -15.68 -1.60 -5.95
CA ILE A 28 -14.27 -1.53 -6.31
C ILE A 28 -13.83 -2.94 -6.69
N GLY A 29 -13.39 -3.14 -7.93
CA GLY A 29 -12.91 -4.44 -8.35
C GLY A 29 -11.66 -4.83 -7.59
N ALA A 30 -11.58 -6.10 -7.21
CA ALA A 30 -10.45 -6.59 -6.45
C ALA A 30 -10.20 -8.05 -6.76
N LEU A 31 -8.96 -8.46 -6.59
CA LEU A 31 -8.50 -9.81 -6.90
C LEU A 31 -7.43 -10.14 -5.89
N LEU A 32 -7.69 -11.11 -5.00
CA LEU A 32 -6.85 -11.40 -3.86
C LEU A 32 -6.69 -12.90 -3.76
N THR A 33 -5.48 -13.40 -4.03
CA THR A 33 -5.18 -14.83 -4.00
C THR A 33 -4.35 -15.15 -2.78
N ILE A 34 -4.75 -16.18 -2.05
CA ILE A 34 -4.06 -16.65 -0.85
C ILE A 34 -3.34 -17.93 -1.23
N GLU A 35 -2.00 -17.88 -1.24
CA GLU A 35 -1.20 -19.08 -1.52
C GLU A 35 -1.40 -20.10 -0.41
N ARG A 36 -1.53 -21.38 -0.79
CA ARG A 36 -1.63 -22.49 0.15
C ARG A 36 -0.44 -23.42 -0.05
N ASP A 37 -0.67 -24.72 -0.33
CA ASP A 37 0.47 -25.63 -0.44
C ASP A 37 1.21 -25.52 -1.76
N THR A 38 0.51 -25.18 -2.85
CA THR A 38 1.18 -25.05 -4.15
C THR A 38 1.88 -23.70 -4.19
N GLY A 39 3.19 -23.73 -4.42
CA GLY A 39 3.96 -22.51 -4.44
C GLY A 39 3.60 -21.64 -5.63
N MET A 40 3.56 -20.34 -5.41
CA MET A 40 3.13 -19.37 -6.40
C MET A 40 4.18 -18.33 -6.66
N GLY A 41 5.44 -18.70 -6.44
CA GLY A 41 6.52 -17.76 -6.63
C GLY A 41 6.58 -17.16 -8.02
N ASP A 42 6.32 -17.98 -9.04
CA ASP A 42 6.37 -17.48 -10.43
C ASP A 42 5.36 -16.38 -10.67
N TYR A 43 4.22 -16.46 -10.03
CA TYR A 43 3.21 -15.41 -10.17
C TYR A 43 3.50 -14.22 -9.28
N ILE A 44 3.98 -14.47 -8.07
CA ILE A 44 4.41 -13.38 -7.19
C ILE A 44 5.44 -12.50 -7.88
N GLU A 45 6.35 -13.12 -8.65
CA GLU A 45 7.45 -12.38 -9.23
C GLU A 45 7.01 -11.47 -10.38
N THR A 46 5.79 -11.63 -10.89
CA THR A 46 5.30 -10.76 -11.95
C THR A 46 4.77 -9.43 -11.42
N GLY A 47 4.56 -9.30 -10.11
CA GLY A 47 3.99 -8.11 -9.54
C GLY A 47 5.03 -7.19 -8.91
N ILE A 48 4.51 -6.22 -8.15
CA ILE A 48 5.33 -5.28 -7.40
C ILE A 48 5.57 -5.89 -6.01
N PRO A 49 6.82 -6.11 -5.60
CA PRO A 49 7.06 -6.70 -4.27
C PRO A 49 6.62 -5.77 -3.16
N LEU A 50 5.94 -6.32 -2.16
CA LEU A 50 5.56 -5.61 -0.95
C LEU A 50 6.10 -6.29 0.31
N ASN A 51 5.88 -7.60 0.46
CA ASN A 51 6.18 -8.29 1.71
C ASN A 51 5.74 -7.49 2.92
N ALA A 52 4.48 -7.08 2.88
CA ALA A 52 3.91 -6.15 3.84
C ALA A 52 3.01 -6.87 4.84
N LYS A 53 2.94 -6.33 6.04
CA LYS A 53 1.95 -6.79 7.01
C LYS A 53 0.56 -6.58 6.43
N VAL A 54 -0.33 -7.52 6.72
CA VAL A 54 -1.71 -7.38 6.29
C VAL A 54 -2.41 -6.35 7.17
N SER A 55 -3.21 -5.50 6.54
CA SER A 55 -4.16 -4.65 7.24
C SER A 55 -5.30 -4.41 6.27
N SER A 56 -6.50 -4.17 6.80
CA SER A 56 -7.60 -3.80 5.93
C SER A 56 -7.29 -2.50 5.19
N GLU A 57 -6.62 -1.57 5.87
CA GLU A 57 -6.29 -0.28 5.27
C GLU A 57 -5.39 -0.46 4.06
N LEU A 58 -4.33 -1.26 4.19
CA LEU A 58 -3.43 -1.44 3.05
C LEU A 58 -4.14 -2.15 1.89
N LEU A 59 -4.94 -3.18 2.19
CA LEU A 59 -5.69 -3.86 1.14
C LEU A 59 -6.58 -2.87 0.38
N ILE A 60 -7.31 -2.02 1.11
CA ILE A 60 -8.16 -1.03 0.45
C ILE A 60 -7.32 -0.10 -0.41
N ASN A 61 -6.24 0.44 0.17
CA ASN A 61 -5.44 1.40 -0.58
C ASN A 61 -4.87 0.80 -1.85
N ILE A 62 -4.56 -0.51 -1.84
CA ILE A 62 -4.00 -1.15 -3.02
C ILE A 62 -4.99 -1.11 -4.19
N PHE A 63 -6.26 -1.41 -3.92
CA PHE A 63 -7.24 -1.62 -4.97
C PHE A 63 -7.99 -0.36 -5.41
N ILE A 64 -7.63 0.82 -4.90
CA ILE A 64 -8.35 2.02 -5.34
C ILE A 64 -8.25 2.16 -6.86
N PRO A 65 -9.33 2.43 -7.56
CA PRO A 65 -9.26 2.48 -9.02
C PRO A 65 -8.32 3.58 -9.52
N ASN A 66 -7.72 3.33 -10.69
CA ASN A 66 -6.83 4.30 -11.35
C ASN A 66 -5.61 4.65 -10.51
N THR A 67 -5.08 3.66 -9.79
CA THR A 67 -3.85 3.81 -9.04
C THR A 67 -2.84 2.80 -9.56
N PRO A 68 -1.56 3.00 -9.27
CA PRO A 68 -0.54 2.06 -9.80
C PRO A 68 -0.80 0.58 -9.45
N LEU A 69 -1.33 0.28 -8.28
CA LEU A 69 -1.35 -1.09 -7.80
C LEU A 69 -2.66 -1.83 -8.04
N HIS A 70 -3.69 -1.17 -8.54
CA HIS A 70 -5.03 -1.76 -8.56
C HIS A 70 -5.24 -2.81 -9.64
N ASP A 71 -4.43 -2.83 -10.69
CA ASP A 71 -4.66 -3.75 -11.81
C ASP A 71 -3.82 -5.00 -11.60
N GLY A 72 -4.49 -6.12 -11.44
CA GLY A 72 -3.82 -7.38 -11.16
C GLY A 72 -4.15 -7.88 -9.76
N ALA A 73 -3.51 -8.98 -9.42
CA ALA A 73 -3.83 -9.68 -8.19
C ALA A 73 -2.87 -9.30 -7.07
N VAL A 74 -3.42 -9.15 -5.87
CA VAL A 74 -2.63 -9.25 -4.65
C VAL A 74 -2.46 -10.72 -4.33
N ILE A 75 -1.24 -11.13 -4.01
CA ILE A 75 -0.97 -12.50 -3.59
C ILE A 75 -0.46 -12.46 -2.17
N MET A 76 -1.12 -13.21 -1.29
CA MET A 76 -0.76 -13.32 0.11
C MET A 76 -0.06 -14.65 0.34
N LYS A 77 0.94 -14.63 1.21
CA LYS A 77 1.75 -15.80 1.49
C LYS A 77 2.34 -15.61 2.88
N ASN A 78 2.29 -16.65 3.70
CA ASN A 78 2.85 -16.62 5.04
C ASN A 78 2.37 -15.41 5.85
N ASN A 79 1.07 -15.13 5.74
CA ASN A 79 0.38 -14.12 6.53
C ASN A 79 0.85 -12.68 6.20
N GLU A 80 1.38 -12.47 5.01
CA GLU A 80 1.82 -11.16 4.47
C GLU A 80 1.29 -11.00 3.10
N ILE A 81 1.26 -9.75 2.68
CA ILE A 81 1.00 -9.40 1.28
C ILE A 81 2.32 -9.50 0.54
N ALA A 82 2.49 -10.53 -0.26
CA ALA A 82 3.78 -10.72 -0.92
C ALA A 82 3.98 -9.70 -2.04
N ALA A 83 2.98 -9.52 -2.88
CA ALA A 83 3.09 -8.61 -4.01
C ALA A 83 1.71 -8.19 -4.44
N ALA A 84 1.65 -7.09 -5.17
CA ALA A 84 0.43 -6.58 -5.78
C ALA A 84 0.63 -6.45 -7.29
N ALA A 85 -0.47 -6.26 -8.00
CA ALA A 85 -0.46 -6.10 -9.46
C ALA A 85 0.17 -7.30 -10.13
N CYS A 86 -0.13 -8.49 -9.62
CA CYS A 86 0.43 -9.71 -10.16
C CYS A 86 -0.44 -10.26 -11.30
N TYR A 87 0.23 -10.95 -12.22
N TYR A 87 0.20 -11.01 -12.19
CA TYR A 87 -0.43 -11.66 -13.30
CA TYR A 87 -0.49 -11.60 -13.32
C TYR A 87 -0.93 -13.02 -12.80
C TYR A 87 -0.84 -13.05 -12.99
N LEU A 88 -2.09 -13.42 -13.30
CA LEU A 88 -2.65 -14.74 -13.04
C LEU A 88 -3.11 -15.28 -14.38
N PRO A 89 -3.06 -16.58 -14.59
CA PRO A 89 -3.46 -17.13 -15.90
C PRO A 89 -4.98 -17.07 -16.06
N LEU A 90 -5.43 -16.72 -17.26
CA LEU A 90 -6.85 -16.66 -17.54
C LEU A 90 -7.41 -18.05 -17.85
N SER A 91 -8.47 -18.41 -17.14
CA SER A 91 -9.15 -19.67 -17.42
C SER A 91 -9.77 -19.65 -18.80
N GLU A 92 -9.78 -20.82 -19.44
CA GLU A 92 -10.51 -21.06 -20.66
C GLU A 92 -11.76 -21.89 -20.42
N SER A 93 -12.17 -22.03 -19.17
CA SER A 93 -13.33 -22.85 -18.85
C SER A 93 -14.57 -22.28 -19.53
N PRO A 94 -15.36 -23.09 -20.24
CA PRO A 94 -16.62 -22.59 -20.80
C PRO A 94 -17.76 -22.50 -19.79
N PHE A 95 -17.50 -22.77 -18.51
CA PHE A 95 -18.56 -22.90 -17.50
C PHE A 95 -18.54 -21.76 -16.49
N ILE A 96 -17.85 -20.70 -16.79
CA ILE A 96 -17.90 -19.46 -16.02
C ILE A 96 -19.05 -18.63 -16.57
N SER A 97 -19.84 -18.03 -15.68
CA SER A 97 -20.94 -17.18 -16.11
C SER A 97 -20.47 -16.21 -17.18
N LYS A 98 -21.26 -16.10 -18.26
CA LYS A 98 -20.77 -15.40 -19.43
C LYS A 98 -20.70 -13.89 -19.24
N GLU A 99 -21.34 -13.35 -18.21
CA GLU A 99 -21.25 -11.90 -18.02
C GLU A 99 -20.01 -11.48 -17.27
N LEU A 100 -19.18 -12.41 -16.82
CA LEU A 100 -18.01 -12.09 -16.02
C LEU A 100 -16.80 -11.87 -16.92
N GLY A 101 -15.89 -11.02 -16.44
CA GLY A 101 -14.75 -10.59 -17.19
C GLY A 101 -13.44 -11.16 -16.70
N THR A 102 -12.35 -10.46 -17.01
CA THR A 102 -11.02 -11.05 -16.89
C THR A 102 -10.62 -11.26 -15.43
N ARG A 103 -11.08 -10.42 -14.52
CA ARG A 103 -10.76 -10.61 -13.11
C ARG A 103 -11.23 -11.97 -12.61
N HIS A 104 -12.47 -12.33 -12.93
CA HIS A 104 -12.98 -13.63 -12.52
C HIS A 104 -12.32 -14.77 -13.28
N ARG A 105 -12.04 -14.58 -14.56
CA ARG A 105 -11.36 -15.63 -15.33
C ARG A 105 -9.94 -15.83 -14.81
N ALA A 106 -9.28 -14.74 -14.38
CA ALA A 106 -7.94 -14.86 -13.79
C ALA A 106 -8.00 -15.65 -12.48
N ALA A 107 -9.00 -15.35 -11.64
CA ALA A 107 -9.14 -16.09 -10.38
C ALA A 107 -9.39 -17.57 -10.63
N VAL A 108 -10.33 -17.88 -11.52
CA VAL A 108 -10.58 -19.29 -11.83
C VAL A 108 -9.32 -19.92 -12.41
N GLY A 109 -8.62 -19.18 -13.25
CA GLY A 109 -7.43 -19.73 -13.89
C GLY A 109 -6.36 -20.14 -12.91
N ILE A 110 -6.04 -19.29 -11.92
CA ILE A 110 -5.04 -19.71 -10.96
C ILE A 110 -5.55 -20.87 -10.11
N SER A 111 -6.86 -20.92 -9.86
CA SER A 111 -7.43 -22.00 -9.07
C SER A 111 -7.42 -23.34 -9.79
N GLU A 112 -7.19 -23.34 -11.11
CA GLU A 112 -7.17 -24.58 -11.86
C GLU A 112 -5.80 -25.26 -11.74
N VAL A 113 -4.75 -24.53 -11.34
CA VAL A 113 -3.38 -25.04 -11.35
C VAL A 113 -2.70 -24.88 -10.00
N THR A 114 -3.46 -24.50 -8.98
CA THR A 114 -2.96 -24.40 -7.61
C THR A 114 -4.09 -24.77 -6.67
N ASP A 115 -3.75 -25.00 -5.40
CA ASP A 115 -4.74 -25.17 -4.35
C ASP A 115 -5.07 -23.85 -3.64
N SER A 116 -4.79 -22.72 -4.27
CA SER A 116 -5.01 -21.44 -3.63
C SER A 116 -6.48 -21.10 -3.54
N LEU A 117 -6.79 -20.11 -2.71
CA LEU A 117 -8.12 -19.54 -2.61
C LEU A 117 -8.05 -18.10 -3.09
N THR A 118 -8.90 -17.73 -4.04
CA THR A 118 -8.91 -16.36 -4.56
C THR A 118 -10.25 -15.73 -4.28
N ILE A 119 -10.23 -14.50 -3.81
CA ILE A 119 -11.41 -13.68 -3.59
C ILE A 119 -11.49 -12.66 -4.71
N ILE A 120 -12.70 -12.46 -5.25
CA ILE A 120 -12.94 -11.48 -6.29
C ILE A 120 -14.08 -10.57 -5.86
N VAL A 121 -13.89 -9.27 -6.02
CA VAL A 121 -14.99 -8.30 -5.92
C VAL A 121 -15.26 -7.78 -7.32
N SER A 122 -16.53 -7.82 -7.73
CA SER A 122 -16.92 -7.33 -9.04
C SER A 122 -17.03 -5.81 -9.06
N GLU A 123 -16.40 -5.20 -10.06
CA GLU A 123 -16.56 -3.76 -10.25
C GLU A 123 -17.94 -3.42 -10.80
N GLU A 124 -18.64 -4.37 -11.40
CA GLU A 124 -19.96 -4.10 -11.95
C GLU A 124 -21.04 -4.10 -10.88
N THR A 125 -20.97 -5.06 -9.94
CA THR A 125 -22.04 -5.25 -9.00
C THR A 125 -21.62 -5.16 -7.54
N GLY A 126 -20.32 -5.18 -7.25
CA GLY A 126 -19.87 -5.37 -5.89
C GLY A 126 -20.08 -6.76 -5.34
N GLY A 127 -20.53 -7.71 -6.16
CA GLY A 127 -20.66 -9.07 -5.68
C GLY A 127 -19.32 -9.67 -5.35
N VAL A 128 -19.31 -10.54 -4.35
CA VAL A 128 -18.11 -11.20 -3.85
C VAL A 128 -18.16 -12.66 -4.25
N SER A 129 -17.06 -13.16 -4.80
CA SER A 129 -16.98 -14.55 -5.19
C SER A 129 -15.63 -15.10 -4.77
N VAL A 130 -15.53 -16.43 -4.77
CA VAL A 130 -14.30 -17.14 -4.42
C VAL A 130 -14.04 -18.20 -5.46
N ALA A 131 -12.79 -18.30 -5.93
CA ALA A 131 -12.36 -19.34 -6.85
C ALA A 131 -11.47 -20.33 -6.13
N LYS A 132 -11.78 -21.61 -6.30
CA LYS A 132 -10.99 -22.68 -5.72
C LYS A 132 -11.25 -23.92 -6.59
N ASN A 133 -10.19 -24.66 -6.89
CA ASN A 133 -10.30 -25.97 -7.56
C ASN A 133 -10.92 -25.86 -8.95
N GLY A 134 -10.87 -24.69 -9.56
CA GLY A 134 -11.46 -24.53 -10.88
C GLY A 134 -12.90 -24.07 -10.90
N ASP A 135 -13.52 -23.88 -9.75
CA ASP A 135 -14.89 -23.42 -9.66
C ASP A 135 -14.97 -22.05 -9.03
N LEU A 136 -15.99 -21.31 -9.41
CA LEU A 136 -16.26 -19.98 -8.91
C LEU A 136 -17.55 -20.04 -8.12
N HIS A 137 -17.47 -19.63 -6.86
CA HIS A 137 -18.61 -19.58 -5.95
C HIS A 137 -19.06 -18.13 -5.81
N ARG A 138 -20.23 -17.83 -6.34
CA ARG A 138 -20.65 -16.46 -6.58
C ARG A 138 -21.62 -15.96 -5.54
N GLU A 139 -21.70 -14.63 -5.46
CA GLU A 139 -22.76 -13.94 -4.72
C GLU A 139 -22.73 -14.36 -3.25
N LEU A 140 -21.55 -14.26 -2.66
CA LEU A 140 -21.35 -14.70 -1.29
C LEU A 140 -21.78 -13.62 -0.31
N THR A 141 -22.39 -14.06 0.78
CA THR A 141 -22.62 -13.20 1.93
C THR A 141 -21.32 -13.05 2.70
N GLU A 142 -21.31 -12.12 3.67
CA GLU A 142 -20.14 -11.98 4.52
C GLU A 142 -19.88 -13.26 5.31
N GLU A 143 -20.94 -13.86 5.85
CA GLU A 143 -20.77 -15.08 6.62
C GLU A 143 -20.21 -16.19 5.76
N ALA A 144 -20.66 -16.29 4.50
CA ALA A 144 -20.18 -17.34 3.62
C ALA A 144 -18.70 -17.18 3.32
N LEU A 145 -18.25 -15.95 3.04
CA LEU A 145 -16.83 -15.74 2.80
C LEU A 145 -16.02 -16.09 4.04
N LYS A 146 -16.48 -15.66 5.22
CA LYS A 146 -15.77 -15.99 6.45
C LYS A 146 -15.63 -17.49 6.62
N GLU A 147 -16.73 -18.22 6.38
CA GLU A 147 -16.71 -19.67 6.50
C GLU A 147 -15.67 -20.28 5.57
N MET A 148 -15.58 -19.78 4.35
CA MET A 148 -14.60 -20.29 3.40
C MET A 148 -13.19 -20.04 3.87
N LEU A 149 -12.92 -18.84 4.37
CA LEU A 149 -11.59 -18.52 4.88
C LEU A 149 -11.23 -19.40 6.08
N GLU A 150 -12.15 -19.58 7.01
CA GLU A 150 -11.90 -20.44 8.17
C GLU A 150 -11.74 -21.90 7.76
N ALA A 151 -12.53 -22.35 6.80
CA ALA A 151 -12.42 -23.72 6.30
C ALA A 151 -11.05 -23.93 5.64
N GLU A 152 -10.62 -22.95 4.84
CA GLU A 152 -9.31 -23.02 4.23
C GLU A 152 -8.21 -23.03 5.29
N THR B 3 28.47 -1.23 -3.90
CA THR B 3 28.07 -2.29 -2.98
C THR B 3 26.55 -2.50 -3.09
N PRO B 4 26.07 -3.66 -2.62
CA PRO B 4 24.60 -3.83 -2.57
C PRO B 4 23.88 -2.78 -1.73
N VAL B 5 24.47 -2.37 -0.61
CA VAL B 5 23.87 -1.31 0.19
C VAL B 5 23.74 -0.05 -0.66
N GLU B 6 24.78 0.28 -1.42
CA GLU B 6 24.77 1.51 -2.22
C GLU B 6 23.71 1.44 -3.31
N GLU B 7 23.57 0.29 -3.95
CA GLU B 7 22.57 0.13 -4.97
C GLU B 7 21.16 0.15 -4.40
N ALA B 8 20.96 -0.48 -3.24
CA ALA B 8 19.64 -0.43 -2.61
C ALA B 8 19.26 1.01 -2.27
N GLN B 9 20.22 1.79 -1.75
CA GLN B 9 19.93 3.18 -1.47
C GLN B 9 19.51 3.93 -2.73
N GLN B 10 20.21 3.66 -3.84
CA GLN B 10 19.89 4.32 -5.10
C GLN B 10 18.48 3.97 -5.57
N LYS B 11 18.13 2.68 -5.49
CA LYS B 11 16.76 2.26 -5.85
C LYS B 11 15.73 2.97 -4.98
N THR B 12 16.00 3.11 -3.68
CA THR B 12 15.03 3.71 -2.76
C THR B 12 14.87 5.17 -3.10
N ILE B 13 15.98 5.85 -3.40
CA ILE B 13 15.93 7.28 -3.75
C ILE B 13 15.16 7.41 -5.04
N GLU B 14 15.36 6.53 -6.02
CA GLU B 14 14.64 6.57 -7.30
C GLU B 14 13.14 6.39 -7.06
N ALA B 15 12.75 5.47 -6.17
CA ALA B 15 11.34 5.20 -5.86
C ALA B 15 10.71 6.42 -5.24
N ILE B 16 11.40 7.04 -4.26
CA ILE B 16 10.86 8.21 -3.58
C ILE B 16 10.67 9.35 -4.57
N THR B 17 11.71 9.66 -5.36
CA THR B 17 11.61 10.81 -6.26
C THR B 17 10.53 10.61 -7.32
N LYS B 18 10.40 9.38 -7.84
CA LYS B 18 9.33 9.14 -8.81
C LYS B 18 7.96 9.36 -8.18
N ALA B 19 7.78 8.88 -6.95
CA ALA B 19 6.49 9.05 -6.30
C ALA B 19 6.22 10.52 -6.02
N ILE B 20 7.20 11.24 -5.48
CA ILE B 20 7.02 12.65 -5.15
C ILE B 20 6.70 13.44 -6.42
N ASN B 21 7.42 13.19 -7.52
CA ASN B 21 7.16 13.90 -8.76
C ASN B 21 5.74 13.67 -9.25
N TYR B 22 5.25 12.43 -9.13
CA TYR B 22 3.89 12.11 -9.58
C TYR B 22 2.85 12.83 -8.72
N MET B 23 3.04 12.81 -7.40
CA MET B 23 2.10 13.47 -6.52
C MET B 23 2.13 14.99 -6.68
N ALA B 24 3.32 15.56 -6.83
CA ALA B 24 3.40 17.01 -7.03
C ALA B 24 2.61 17.44 -8.26
N LYS B 25 2.77 16.73 -9.38
CA LYS B 25 2.07 17.08 -10.61
C LYS B 25 0.56 17.03 -10.44
N ARG B 26 0.06 16.13 -9.59
CA ARG B 26 -1.37 15.94 -9.39
C ARG B 26 -1.88 16.62 -8.13
N ARG B 27 -1.04 17.40 -7.46
CA ARG B 27 -1.44 18.09 -6.24
C ARG B 27 -1.99 17.10 -5.21
N ILE B 28 -1.33 15.94 -5.12
CA ILE B 28 -1.64 14.95 -4.09
C ILE B 28 -0.79 15.27 -2.88
N GLY B 29 -1.44 15.67 -1.78
CA GLY B 29 -0.72 15.95 -0.55
C GLY B 29 -0.01 14.73 -0.02
N ALA B 30 1.19 14.94 0.51
CA ALA B 30 1.97 13.82 1.01
C ALA B 30 2.92 14.29 2.10
N LEU B 31 3.25 13.38 3.01
CA LEU B 31 4.09 13.66 4.16
C LEU B 31 4.91 12.39 4.38
N LEU B 32 6.20 12.46 4.09
CA LEU B 32 7.06 11.29 4.04
C LEU B 32 8.32 11.57 4.84
N THR B 33 8.50 10.89 5.96
CA THR B 33 9.63 11.09 6.86
C THR B 33 10.58 9.92 6.74
N ILE B 34 11.85 10.22 6.51
CA ILE B 34 12.90 9.21 6.40
C ILE B 34 13.68 9.23 7.72
N GLU B 35 13.58 8.14 8.48
CA GLU B 35 14.35 8.01 9.71
C GLU B 35 15.84 7.98 9.36
N ARG B 36 16.64 8.66 10.17
CA ARG B 36 18.10 8.59 10.05
C ARG B 36 18.64 7.95 11.32
N ASP B 37 19.51 8.66 12.06
CA ASP B 37 20.14 8.03 13.22
C ASP B 37 19.34 8.14 14.50
N THR B 38 18.43 9.11 14.60
CA THR B 38 17.53 9.18 15.75
C THR B 38 16.34 8.26 15.50
N GLY B 39 16.17 7.27 16.36
CA GLY B 39 15.12 6.30 16.16
C GLY B 39 13.75 6.94 16.34
N MET B 40 12.81 6.50 15.53
CA MET B 40 11.48 7.10 15.48
C MET B 40 10.41 6.10 15.83
N GLY B 41 10.76 5.08 16.61
CA GLY B 41 9.81 4.03 16.94
C GLY B 41 8.53 4.56 17.57
N ASP B 42 8.65 5.56 18.45
CA ASP B 42 7.46 6.09 19.12
C ASP B 42 6.44 6.59 18.11
N TYR B 43 6.92 7.18 17.02
CA TYR B 43 6.02 7.75 16.02
C TYR B 43 5.55 6.68 15.05
N ILE B 44 6.45 5.75 14.68
CA ILE B 44 6.04 4.63 13.85
C ILE B 44 4.89 3.87 14.48
N GLU B 45 4.94 3.68 15.80
CA GLU B 45 3.94 2.89 16.50
C GLU B 45 2.57 3.56 16.56
N THR B 46 2.46 4.83 16.19
CA THR B 46 1.16 5.48 16.15
C THR B 46 0.40 5.18 14.85
N GLY B 47 1.06 4.65 13.83
CA GLY B 47 0.46 4.45 12.54
C GLY B 47 0.03 3.01 12.30
N ILE B 48 -0.30 2.73 11.05
CA ILE B 48 -0.65 1.38 10.62
C ILE B 48 0.63 0.69 10.19
N PRO B 49 0.99 -0.46 10.77
CA PRO B 49 2.25 -1.11 10.39
C PRO B 49 2.18 -1.65 8.97
N LEU B 50 3.22 -1.38 8.18
CA LEU B 50 3.36 -1.96 6.85
C LEU B 50 4.60 -2.84 6.75
N ASN B 51 5.75 -2.33 7.21
CA ASN B 51 7.03 -3.02 7.07
C ASN B 51 7.22 -3.54 5.65
N ALA B 52 6.93 -2.68 4.69
CA ALA B 52 6.84 -3.05 3.29
C ALA B 52 8.09 -2.62 2.52
N LYS B 53 8.42 -3.40 1.49
CA LYS B 53 9.47 -2.96 0.55
C LYS B 53 9.01 -1.68 -0.11
N VAL B 54 9.95 -0.77 -0.30
CA VAL B 54 9.67 0.50 -0.95
C VAL B 54 9.35 0.25 -2.45
N SER B 55 8.37 0.98 -2.98
CA SER B 55 8.21 1.15 -4.42
C SER B 55 7.52 2.49 -4.63
N SER B 56 7.75 3.08 -5.80
CA SER B 56 7.04 4.30 -6.12
C SER B 56 5.54 4.03 -6.14
N GLU B 57 5.14 2.86 -6.64
CA GLU B 57 3.73 2.51 -6.75
C GLU B 57 3.06 2.48 -5.38
N LEU B 58 3.70 1.85 -4.39
CA LEU B 58 3.09 1.79 -3.06
C LEU B 58 3.03 3.17 -2.43
N LEU B 59 4.09 3.96 -2.56
CA LEU B 59 4.08 5.32 -2.01
C LEU B 59 2.92 6.13 -2.57
N ILE B 60 2.73 6.06 -3.90
CA ILE B 60 1.61 6.78 -4.52
C ILE B 60 0.28 6.25 -3.97
N ASN B 61 0.10 4.92 -3.99
CA ASN B 61 -1.18 4.35 -3.55
C ASN B 61 -1.52 4.79 -2.13
N ILE B 62 -0.51 4.96 -1.27
CA ILE B 62 -0.77 5.31 0.13
C ILE B 62 -1.44 6.67 0.24
N PHE B 63 -0.99 7.64 -0.56
CA PHE B 63 -1.41 9.01 -0.38
C PHE B 63 -2.62 9.42 -1.20
N ILE B 64 -3.23 8.51 -1.95
CA ILE B 64 -4.40 8.91 -2.74
C ILE B 64 -5.46 9.51 -1.82
N PRO B 65 -6.04 10.66 -2.15
CA PRO B 65 -7.00 11.28 -1.22
C PRO B 65 -8.19 10.38 -0.91
N ASN B 66 -8.73 10.58 0.29
CA ASN B 66 -9.95 9.91 0.77
C ASN B 66 -9.78 8.39 0.86
N THR B 67 -8.59 7.94 1.18
CA THR B 67 -8.29 6.54 1.40
C THR B 67 -7.85 6.32 2.83
N PRO B 68 -7.91 5.07 3.32
CA PRO B 68 -7.56 4.84 4.74
C PRO B 68 -6.17 5.32 5.13
N LEU B 69 -5.19 5.26 4.25
CA LEU B 69 -3.80 5.51 4.64
C LEU B 69 -3.31 6.92 4.34
N HIS B 70 -4.12 7.78 3.73
CA HIS B 70 -3.52 8.99 3.18
C HIS B 70 -3.26 10.08 4.19
N ASP B 71 -3.94 10.10 5.31
CA ASP B 71 -3.77 11.17 6.28
C ASP B 71 -2.72 10.74 7.29
N GLY B 72 -1.81 11.63 7.60
CA GLY B 72 -0.70 11.32 8.46
C GLY B 72 0.55 11.01 7.66
N ALA B 73 1.62 10.71 8.39
CA ALA B 73 2.93 10.56 7.79
C ALA B 73 3.22 9.10 7.47
N VAL B 74 3.87 8.89 6.34
CA VAL B 74 4.60 7.66 6.09
C VAL B 74 5.98 7.83 6.72
N ILE B 75 6.41 6.82 7.47
CA ILE B 75 7.78 6.82 8.04
C ILE B 75 8.53 5.66 7.40
N MET B 76 9.66 5.99 6.76
CA MET B 76 10.50 5.01 6.14
C MET B 76 11.75 4.69 7.03
N LYS B 77 12.15 3.45 7.06
CA LYS B 77 13.36 3.01 7.73
C LYS B 77 14.20 2.32 6.65
N ASN B 78 15.32 2.96 6.27
CA ASN B 78 16.19 2.48 5.21
C ASN B 78 15.36 2.21 3.96
N ASN B 79 15.26 0.96 3.55
CA ASN B 79 14.61 0.58 2.32
C ASN B 79 13.22 0.02 2.53
N GLU B 80 12.59 0.36 3.67
CA GLU B 80 11.24 -0.11 3.95
C GLU B 80 10.33 1.05 4.34
N ILE B 81 9.06 0.91 3.98
CA ILE B 81 7.98 1.75 4.51
C ILE B 81 7.56 1.10 5.82
N ALA B 82 7.92 1.69 6.95
CA ALA B 82 7.64 1.08 8.24
C ALA B 82 6.16 1.16 8.58
N ALA B 83 5.55 2.32 8.42
CA ALA B 83 4.17 2.54 8.79
C ALA B 83 3.64 3.75 8.03
N ALA B 84 2.33 3.79 7.90
CA ALA B 84 1.63 4.91 7.27
C ALA B 84 0.62 5.47 8.26
N ALA B 85 0.12 6.66 7.94
CA ALA B 85 -0.90 7.34 8.77
C ALA B 85 -0.38 7.57 10.19
N CYS B 86 0.90 7.90 10.29
CA CYS B 86 1.54 8.14 11.58
C CYS B 86 1.34 9.58 12.05
N TYR B 87 1.31 9.74 13.37
N TYR B 87 1.37 9.76 13.35
CA TYR B 87 1.31 11.06 13.98
CA TYR B 87 1.29 11.08 13.95
C TYR B 87 2.74 11.59 14.12
C TYR B 87 2.69 11.62 14.26
N LEU B 88 2.87 12.90 13.97
CA LEU B 88 4.11 13.62 14.18
C LEU B 88 3.74 14.86 14.99
N PRO B 89 4.67 15.36 15.81
CA PRO B 89 4.36 16.57 16.58
C PRO B 89 4.32 17.79 15.69
N LEU B 90 3.46 18.73 16.05
CA LEU B 90 3.31 19.96 15.29
C LEU B 90 4.28 21.03 15.80
N SER B 91 5.06 21.60 14.88
CA SER B 91 5.94 22.70 15.21
C SER B 91 5.16 23.98 15.47
N GLU B 92 5.65 24.77 16.42
CA GLU B 92 5.18 26.12 16.68
C GLU B 92 6.13 27.17 16.11
N SER B 93 7.05 26.76 15.24
CA SER B 93 8.05 27.70 14.72
C SER B 93 7.36 28.84 13.98
N PRO B 94 7.80 30.09 14.18
CA PRO B 94 7.24 31.21 13.42
C PRO B 94 7.77 31.30 11.98
N PHE B 95 8.70 30.45 11.59
CA PHE B 95 9.29 30.48 10.26
C PHE B 95 8.61 29.51 9.30
N ILE B 96 7.42 29.04 9.65
CA ILE B 96 6.58 28.28 8.75
C ILE B 96 5.60 29.25 8.12
N SER B 97 5.62 29.35 6.79
CA SER B 97 4.74 30.27 6.09
C SER B 97 3.31 30.13 6.60
N LYS B 98 2.66 31.26 6.86
CA LYS B 98 1.38 31.22 7.56
C LYS B 98 0.31 30.47 6.77
N GLU B 99 0.42 30.43 5.45
CA GLU B 99 -0.61 29.78 4.63
C GLU B 99 -0.51 28.26 4.67
N LEU B 100 0.57 27.69 5.20
CA LEU B 100 0.76 26.26 5.17
C LEU B 100 -0.04 25.57 6.28
N GLY B 101 -0.43 24.34 6.01
CA GLY B 101 -1.28 23.58 6.89
C GLY B 101 -0.54 22.56 7.73
N THR B 102 -1.28 21.56 8.18
CA THR B 102 -0.80 20.66 9.21
C THR B 102 0.34 19.77 8.71
N ARG B 103 0.33 19.34 7.44
CA ARG B 103 1.42 18.48 6.98
C ARG B 103 2.77 19.17 7.15
N HIS B 104 2.86 20.45 6.78
CA HIS B 104 4.13 21.15 6.90
C HIS B 104 4.52 21.37 8.35
N ARG B 105 3.55 21.66 9.21
CA ARG B 105 3.82 21.87 10.62
C ARG B 105 4.26 20.57 11.29
N ALA B 106 3.64 19.44 10.91
CA ALA B 106 4.07 18.13 11.41
C ALA B 106 5.49 17.82 10.94
N ALA B 107 5.80 18.13 9.68
CA ALA B 107 7.13 17.84 9.16
C ALA B 107 8.18 18.62 9.91
N VAL B 108 7.98 19.92 10.08
CA VAL B 108 8.94 20.70 10.84
C VAL B 108 9.02 20.19 12.27
N GLY B 109 7.87 19.81 12.83
CA GLY B 109 7.83 19.32 14.21
C GLY B 109 8.71 18.13 14.44
N ILE B 110 8.62 17.12 13.57
CA ILE B 110 9.47 15.96 13.74
C ILE B 110 10.94 16.33 13.50
N SER B 111 11.19 17.28 12.59
CA SER B 111 12.55 17.68 12.29
C SER B 111 13.21 18.40 13.46
N GLU B 112 12.43 18.89 14.43
CA GLU B 112 12.98 19.57 15.60
C GLU B 112 13.47 18.61 16.68
N VAL B 113 13.05 17.34 16.63
CA VAL B 113 13.37 16.40 17.69
C VAL B 113 14.02 15.14 17.14
N THR B 114 14.36 15.14 15.86
CA THR B 114 15.08 14.04 15.24
C THR B 114 16.00 14.61 14.17
N ASP B 115 16.91 13.79 13.68
CA ASP B 115 17.73 14.11 12.52
C ASP B 115 17.11 13.59 11.22
N SER B 116 15.81 13.31 11.21
CA SER B 116 15.16 12.77 10.04
C SER B 116 15.03 13.84 8.95
N LEU B 117 14.79 13.36 7.73
CA LEU B 117 14.49 14.22 6.59
C LEU B 117 13.05 13.95 6.20
N THR B 118 12.23 15.00 6.13
CA THR B 118 10.83 14.84 5.78
C THR B 118 10.54 15.61 4.50
N ILE B 119 9.86 14.97 3.59
CA ILE B 119 9.41 15.57 2.33
C ILE B 119 7.92 15.84 2.43
N ILE B 120 7.47 17.00 1.93
CA ILE B 120 6.06 17.38 1.94
C ILE B 120 5.67 17.79 0.53
N VAL B 121 4.54 17.30 0.06
CA VAL B 121 3.91 17.79 -1.17
C VAL B 121 2.66 18.56 -0.76
N SER B 122 2.55 19.80 -1.24
CA SER B 122 1.38 20.61 -0.94
C SER B 122 0.20 20.23 -1.83
N GLU B 123 -0.94 19.97 -1.21
CA GLU B 123 -2.15 19.72 -1.98
C GLU B 123 -2.72 20.99 -2.57
N GLU B 124 -2.24 22.16 -2.14
CA GLU B 124 -2.78 23.43 -2.68
C GLU B 124 -2.02 23.80 -3.95
N THR B 125 -0.67 23.69 -3.95
CA THR B 125 0.13 24.19 -5.04
C THR B 125 0.89 23.11 -5.79
N GLY B 126 1.03 21.91 -5.23
CA GLY B 126 1.94 20.93 -5.77
C GLY B 126 3.40 21.17 -5.42
N GLY B 127 3.71 22.24 -4.67
CA GLY B 127 5.08 22.49 -4.31
C GLY B 127 5.63 21.41 -3.40
N VAL B 128 6.92 21.18 -3.54
CA VAL B 128 7.66 20.19 -2.77
C VAL B 128 8.58 20.90 -1.81
N SER B 129 8.56 20.47 -0.55
CA SER B 129 9.42 21.06 0.48
C SER B 129 10.04 19.95 1.30
N VAL B 130 11.10 20.31 2.02
CA VAL B 130 11.80 19.41 2.92
C VAL B 130 11.98 20.08 4.27
N ALA B 131 11.78 19.32 5.33
CA ALA B 131 12.03 19.75 6.69
C ALA B 131 13.21 18.96 7.24
N LYS B 132 14.19 19.67 7.79
CA LYS B 132 15.39 19.08 8.36
C LYS B 132 15.90 20.03 9.42
N ASN B 133 16.14 19.52 10.63
CA ASN B 133 16.80 20.28 11.69
C ASN B 133 16.04 21.56 12.02
N GLY B 134 14.72 21.51 11.95
CA GLY B 134 13.88 22.63 12.33
C GLY B 134 13.63 23.65 11.25
N ASP B 135 14.18 23.46 10.06
CA ASP B 135 14.05 24.40 8.95
C ASP B 135 13.22 23.78 7.84
N LEU B 136 12.37 24.59 7.23
CA LEU B 136 11.60 24.18 6.07
C LEU B 136 12.17 24.87 4.83
N HIS B 137 12.49 24.10 3.80
CA HIS B 137 13.01 24.58 2.51
C HIS B 137 11.94 24.29 1.47
N ARG B 138 11.41 25.29 0.80
CA ARG B 138 10.22 25.18 -0.02
C ARG B 138 10.56 25.23 -1.50
N GLU B 139 9.56 24.88 -2.30
CA GLU B 139 9.58 25.07 -3.75
C GLU B 139 10.79 24.43 -4.41
N LEU B 140 11.06 23.19 -4.02
CA LEU B 140 12.23 22.50 -4.53
C LEU B 140 12.00 21.97 -5.93
N THR B 141 13.03 22.09 -6.78
CA THR B 141 13.02 21.44 -8.07
C THR B 141 13.23 19.94 -7.88
N GLU B 142 12.91 19.17 -8.93
CA GLU B 142 13.17 17.73 -8.89
C GLU B 142 14.64 17.47 -8.64
N GLU B 143 15.50 18.24 -9.30
CA GLU B 143 16.95 18.06 -9.16
C GLU B 143 17.41 18.34 -7.74
N ALA B 144 16.88 19.40 -7.12
CA ALA B 144 17.29 19.74 -5.76
C ALA B 144 16.85 18.67 -4.77
N LEU B 145 15.63 18.14 -4.92
CA LEU B 145 15.19 17.07 -4.03
C LEU B 145 16.10 15.86 -4.15
N LYS B 146 16.38 15.42 -5.38
CA LYS B 146 17.22 14.26 -5.57
C LYS B 146 18.60 14.46 -4.95
N GLU B 147 19.18 15.65 -5.13
CA GLU B 147 20.49 15.92 -4.55
C GLU B 147 20.41 15.85 -3.02
N MET B 148 19.36 16.44 -2.42
CA MET B 148 19.25 16.41 -0.97
C MET B 148 19.17 14.98 -0.46
N LEU B 149 18.40 14.14 -1.15
CA LEU B 149 18.29 12.75 -0.74
C LEU B 149 19.62 12.02 -0.89
N GLU B 150 20.31 12.25 -2.01
CA GLU B 150 21.61 11.60 -2.21
C GLU B 150 22.61 12.02 -1.14
N ALA B 151 22.60 13.31 -0.79
CA ALA B 151 23.52 13.81 0.25
C ALA B 151 23.17 13.22 1.60
N GLU B 152 21.89 12.94 1.82
CA GLU B 152 21.43 12.31 3.07
C GLU B 152 21.81 10.82 3.09
#